data_7KU3
#
_entry.id   7KU3
#
_cell.length_a   111.330
_cell.length_b   111.330
_cell.length_c   51.870
_cell.angle_alpha   90.000
_cell.angle_beta   90.000
_cell.angle_gamma   90.000
#
_symmetry.space_group_name_H-M   'P 41 21 2'
#
loop_
_entity.id
_entity.type
_entity.pdbx_description
1 polymer 'Chymotrypsinogen A'
2 non-polymer 'SULFATE ION'
3 water water
#
_entity_poly.entity_id   1
_entity_poly.type   'polypeptide(L)'
_entity_poly.pdbx_seq_one_letter_code
;CGVPAIQPVLSGLSRIVNGEEAVPGSWPWQVSLQDKTGFHFCGGSLINENWVVTAAHCGVTTSDVVVAGEFDQGSSSEKI
QKLKIAKVFKNSKYNSLTINNDITLLKLSTAASFSQTVSAVCLPSASDDFAAGTTCVTTGWGLTRYTNANTPDRLQQASL
PLLSNTNCKKYWGTKIKDAMICAGASGVSSCMGDSGGPLVCKKNGAWTLVGIVSWGSSTCSTSTPGVYARVTALVNWVQQ
TLAAN
;
_entity_poly.pdbx_strand_id   A
#
loop_
_chem_comp.id
_chem_comp.type
_chem_comp.name
_chem_comp.formula
SO4 non-polymer 'SULFATE ION' 'O4 S -2'
#
# COMPACT_ATOMS: atom_id res chain seq x y z
N CYS A 1 -7.82 12.29 -7.91
CA CYS A 1 -7.20 11.15 -7.28
C CYS A 1 -8.23 10.03 -7.07
N GLY A 2 -7.74 8.80 -6.90
CA GLY A 2 -8.57 7.69 -6.50
C GLY A 2 -9.59 7.24 -7.52
N VAL A 3 -9.51 7.71 -8.77
CA VAL A 3 -10.41 7.28 -9.84
C VAL A 3 -9.57 6.72 -10.98
N PRO A 4 -9.30 5.42 -11.00
CA PRO A 4 -8.46 4.86 -12.07
C PRO A 4 -9.13 5.01 -13.43
N ALA A 5 -8.32 5.39 -14.43
CA ALA A 5 -8.81 5.44 -15.81
C ALA A 5 -9.18 4.06 -16.32
N ILE A 6 -8.49 3.02 -15.83
CA ILE A 6 -8.83 1.63 -16.12
C ILE A 6 -9.50 1.08 -14.86
N GLN A 7 -10.80 0.85 -14.91
CA GLN A 7 -11.53 0.56 -13.68
C GLN A 7 -11.15 -0.83 -13.15
N PRO A 8 -11.02 -0.97 -11.84
CA PRO A 8 -10.73 -2.29 -11.28
C PRO A 8 -11.92 -3.22 -11.45
N VAL A 9 -11.62 -4.50 -11.60
CA VAL A 9 -12.65 -5.55 -11.61
C VAL A 9 -12.35 -6.47 -10.44
N LEU A 10 -13.26 -6.51 -9.46
CA LEU A 10 -13.11 -7.30 -8.25
C LEU A 10 -14.25 -8.31 -8.20
N SER A 11 -13.91 -9.59 -8.30
CA SER A 11 -14.88 -10.69 -8.30
C SER A 11 -14.90 -11.36 -6.93
N GLY A 12 -15.78 -12.36 -6.81
CA GLY A 12 -15.84 -13.13 -5.57
C GLY A 12 -14.53 -13.79 -5.19
N LEU A 13 -13.68 -14.10 -6.19
CA LEU A 13 -12.41 -14.74 -5.89
C LEU A 13 -11.42 -13.79 -5.22
N SER A 14 -11.64 -12.47 -5.29
CA SER A 14 -10.81 -11.57 -4.50
C SER A 14 -11.03 -11.74 -3.00
N ARG A 15 -12.11 -12.42 -2.60
CA ARG A 15 -12.48 -12.51 -1.19
C ARG A 15 -11.98 -13.78 -0.51
N ILE A 16 -11.35 -14.70 -1.24
CA ILE A 16 -10.97 -16.00 -0.66
C ILE A 16 -9.54 -16.35 -1.05
N VAL A 17 -8.93 -17.23 -0.23
CA VAL A 17 -7.61 -17.81 -0.44
C VAL A 17 -6.55 -16.71 -0.54
N ASN A 18 -5.94 -16.55 -1.71
CA ASN A 18 -4.90 -15.55 -1.94
C ASN A 18 -5.34 -14.49 -2.94
N GLY A 19 -6.65 -14.24 -3.05
CA GLY A 19 -7.13 -13.20 -3.93
C GLY A 19 -7.01 -13.59 -5.40
N GLU A 20 -6.92 -12.57 -6.26
CA GLU A 20 -6.93 -12.80 -7.69
C GLU A 20 -6.04 -11.78 -8.38
N GLU A 21 -5.72 -12.07 -9.64
CA GLU A 21 -4.98 -11.14 -10.47
C GLU A 21 -5.81 -9.90 -10.77
N ALA A 22 -5.16 -8.73 -10.70
CA ALA A 22 -5.82 -7.47 -11.04
C ALA A 22 -5.90 -7.28 -12.54
N VAL A 23 -6.87 -6.48 -12.97
CA VAL A 23 -6.84 -6.00 -14.36
C VAL A 23 -5.60 -5.13 -14.55
N PRO A 24 -4.79 -5.37 -15.60
CA PRO A 24 -3.55 -4.60 -15.76
C PRO A 24 -3.78 -3.11 -15.78
N GLY A 25 -3.03 -2.38 -14.95
CA GLY A 25 -3.14 -0.93 -14.94
C GLY A 25 -4.28 -0.37 -14.12
N SER A 26 -5.09 -1.21 -13.47
CA SER A 26 -6.29 -0.76 -12.79
C SER A 26 -6.03 -0.27 -11.37
N TRP A 27 -4.79 -0.37 -10.89
CA TRP A 27 -4.39 0.17 -9.59
C TRP A 27 -3.22 1.13 -9.86
N PRO A 28 -3.51 2.27 -10.48
CA PRO A 28 -2.44 3.06 -11.12
C PRO A 28 -1.51 3.78 -10.15
N TRP A 29 -1.85 3.86 -8.86
CA TRP A 29 -0.93 4.43 -7.87
C TRP A 29 0.09 3.42 -7.37
N GLN A 30 -0.08 2.12 -7.68
CA GLN A 30 0.78 1.07 -7.14
C GLN A 30 2.16 1.15 -7.76
N VAL A 31 3.20 1.26 -6.93
CA VAL A 31 4.56 1.24 -7.45
C VAL A 31 5.35 0.10 -6.82
N SER A 32 6.43 -0.23 -7.49
CA SER A 32 7.40 -1.21 -7.03
C SER A 32 8.66 -0.46 -6.61
N LEU A 33 9.19 -0.77 -5.43
CA LEU A 33 10.48 -0.24 -5.02
C LEU A 33 11.55 -1.31 -5.24
N GLN A 34 12.61 -0.93 -5.95
CA GLN A 34 13.65 -1.85 -6.35
C GLN A 34 15.01 -1.30 -5.95
N ASP A 35 15.97 -2.19 -5.70
CA ASP A 35 17.31 -1.74 -5.36
C ASP A 35 18.06 -1.34 -6.62
N LYS A 36 19.27 -0.83 -6.45
CA LYS A 36 20.05 -0.38 -7.61
C LYS A 36 20.38 -1.51 -8.56
N THR A 37 20.19 -2.77 -8.17
CA THR A 37 20.39 -3.90 -9.07
C THR A 37 19.09 -4.37 -9.73
N GLY A 38 17.96 -3.75 -9.43
CA GLY A 38 16.67 -4.15 -10.01
C GLY A 38 15.85 -5.14 -9.20
N PHE A 39 16.22 -5.38 -7.94
CA PHE A 39 15.54 -6.36 -7.10
C PHE A 39 14.37 -5.69 -6.37
N HIS A 40 13.17 -6.25 -6.55
CA HIS A 40 11.94 -5.71 -5.94
C HIS A 40 11.88 -6.10 -4.47
N PHE A 41 11.78 -5.10 -3.58
CA PHE A 41 11.75 -5.40 -2.15
C PHE A 41 10.58 -4.79 -1.37
N CYS A 42 9.82 -3.85 -1.94
CA CYS A 42 8.72 -3.21 -1.23
C CYS A 42 7.75 -2.63 -2.25
N GLY A 43 6.59 -2.20 -1.74
CA GLY A 43 5.61 -1.49 -2.53
C GLY A 43 5.40 -0.09 -1.98
N GLY A 44 4.54 0.65 -2.67
CA GLY A 44 4.20 2.00 -2.24
C GLY A 44 3.06 2.53 -3.10
N SER A 45 2.67 3.78 -2.81
CA SER A 45 1.54 4.42 -3.49
C SER A 45 1.88 5.84 -3.87
N LEU A 46 1.64 6.20 -5.13
CA LEU A 46 1.77 7.58 -5.55
C LEU A 46 0.64 8.42 -4.96
N ILE A 47 0.99 9.53 -4.32
CA ILE A 47 -0.01 10.49 -3.85
C ILE A 47 -0.01 11.78 -4.67
N ASN A 48 1.03 12.05 -5.45
CA ASN A 48 0.99 12.95 -6.61
C ASN A 48 2.20 12.62 -7.48
N GLU A 49 2.52 13.52 -8.42
N GLU A 49 2.51 13.52 -8.44
CA GLU A 49 3.55 13.23 -9.41
CA GLU A 49 3.54 13.24 -9.42
C GLU A 49 4.95 13.26 -8.83
C GLU A 49 4.95 13.25 -8.82
N ASN A 50 5.13 13.86 -7.65
CA ASN A 50 6.44 13.96 -7.02
C ASN A 50 6.60 13.18 -5.72
N TRP A 51 5.56 12.49 -5.24
CA TRP A 51 5.62 11.90 -3.91
C TRP A 51 5.04 10.49 -3.90
N VAL A 52 5.75 9.56 -3.26
CA VAL A 52 5.29 8.21 -3.00
C VAL A 52 5.25 7.99 -1.51
N VAL A 53 4.20 7.33 -1.02
CA VAL A 53 4.09 7.00 0.40
C VAL A 53 4.24 5.48 0.56
N THR A 54 5.03 5.09 1.55
CA THR A 54 5.36 3.69 1.78
C THR A 54 5.56 3.49 3.29
N ALA A 55 6.01 2.31 3.67
CA ALA A 55 6.25 1.98 5.08
C ALA A 55 7.66 2.37 5.48
N ALA A 56 7.79 2.82 6.73
CA ALA A 56 9.11 3.15 7.23
C ALA A 56 10.01 1.92 7.37
N HIS A 57 9.44 0.75 7.69
CA HIS A 57 10.27 -0.43 7.88
C HIS A 57 10.87 -0.95 6.57
N CYS A 58 10.48 -0.39 5.41
CA CYS A 58 11.14 -0.73 4.16
C CYS A 58 12.57 -0.18 4.08
N GLY A 59 12.91 0.82 4.88
CA GLY A 59 14.28 1.35 4.89
C GLY A 59 14.75 1.85 3.53
N VAL A 60 13.86 2.49 2.77
CA VAL A 60 14.23 2.96 1.43
C VAL A 60 15.33 4.01 1.54
N THR A 61 16.24 3.99 0.57
CA THR A 61 17.31 5.00 0.44
C THR A 61 17.23 5.67 -0.93
N THR A 62 18.03 6.74 -1.09
CA THR A 62 18.05 7.47 -2.36
C THR A 62 18.72 6.69 -3.49
N SER A 63 19.35 5.55 -3.20
CA SER A 63 19.85 4.70 -4.28
C SER A 63 18.83 3.66 -4.74
N ASP A 64 17.72 3.50 -4.03
CA ASP A 64 16.62 2.68 -4.52
C ASP A 64 15.84 3.44 -5.60
N VAL A 65 14.98 2.73 -6.32
CA VAL A 65 14.27 3.27 -7.47
C VAL A 65 12.79 2.98 -7.34
N VAL A 66 11.96 3.96 -7.72
CA VAL A 66 10.51 3.78 -7.80
C VAL A 66 10.14 3.36 -9.22
N VAL A 67 9.43 2.25 -9.35
CA VAL A 67 8.98 1.78 -10.65
C VAL A 67 7.47 1.90 -10.71
N ALA A 68 6.99 2.77 -11.59
CA ALA A 68 5.57 3.03 -11.77
C ALA A 68 5.08 2.39 -13.07
N GLY A 69 3.77 2.17 -13.14
CA GLY A 69 3.14 1.66 -14.35
C GLY A 69 3.38 0.20 -14.64
N GLU A 70 3.89 -0.56 -13.66
CA GLU A 70 4.24 -1.96 -13.88
C GLU A 70 3.05 -2.87 -13.56
N PHE A 71 2.96 -3.96 -14.32
CA PHE A 71 1.97 -5.00 -14.05
C PHE A 71 2.67 -6.34 -13.85
N ASP A 72 3.53 -6.69 -14.79
CA ASP A 72 4.23 -7.98 -14.81
C ASP A 72 5.71 -7.74 -14.56
N GLN A 73 6.19 -8.19 -13.40
CA GLN A 73 7.59 -8.00 -13.08
C GLN A 73 8.51 -8.84 -13.96
N GLY A 74 8.02 -9.98 -14.46
CA GLY A 74 8.78 -10.81 -15.35
C GLY A 74 8.80 -10.38 -16.80
N SER A 75 8.18 -9.26 -17.13
CA SER A 75 8.10 -8.78 -18.50
C SER A 75 9.07 -7.63 -18.73
N SER A 76 9.66 -7.60 -19.93
CA SER A 76 10.42 -6.46 -20.39
C SER A 76 9.74 -5.74 -21.54
N SER A 77 8.48 -6.09 -21.82
CA SER A 77 7.74 -5.55 -22.96
C SER A 77 6.79 -4.43 -22.58
N GLU A 78 6.34 -4.37 -21.33
CA GLU A 78 5.36 -3.36 -20.96
C GLU A 78 6.02 -2.03 -20.63
N LYS A 79 5.26 -0.96 -20.79
CA LYS A 79 5.74 0.39 -20.52
C LYS A 79 5.83 0.62 -19.02
N ILE A 80 7.01 1.04 -18.55
CA ILE A 80 7.22 1.38 -17.15
C ILE A 80 8.02 2.67 -17.06
N GLN A 81 8.05 3.24 -15.87
CA GLN A 81 8.84 4.44 -15.57
C GLN A 81 9.69 4.13 -14.35
N LYS A 82 11.02 4.16 -14.52
CA LYS A 82 11.95 3.99 -13.40
C LYS A 82 12.34 5.36 -12.89
N LEU A 83 11.92 5.68 -11.67
CA LEU A 83 12.00 7.05 -11.15
C LEU A 83 13.00 7.10 -10.00
N LYS A 84 14.00 7.97 -10.14
CA LYS A 84 14.99 8.11 -9.09
C LYS A 84 14.39 8.86 -7.90
N ILE A 85 14.91 8.55 -6.72
CA ILE A 85 14.46 9.14 -5.47
C ILE A 85 15.42 10.25 -5.07
N ALA A 86 14.89 11.45 -4.85
CA ALA A 86 15.72 12.57 -4.42
C ALA A 86 15.92 12.62 -2.91
N LYS A 87 14.88 12.32 -2.13
CA LYS A 87 14.99 12.47 -0.68
C LYS A 87 13.97 11.57 0.00
N VAL A 88 14.35 11.02 1.15
CA VAL A 88 13.50 10.10 1.92
C VAL A 88 13.12 10.78 3.23
N PHE A 89 11.83 10.77 3.54
CA PHE A 89 11.29 11.41 4.75
C PHE A 89 10.65 10.35 5.64
N LYS A 90 11.37 9.89 6.66
CA LYS A 90 10.84 8.93 7.61
C LYS A 90 10.14 9.68 8.73
N ASN A 91 8.92 9.26 9.08
CA ASN A 91 8.23 9.78 10.24
C ASN A 91 9.11 9.59 11.48
N SER A 92 9.43 10.70 12.16
CA SER A 92 10.34 10.64 13.31
C SER A 92 9.79 9.80 14.45
N LYS A 93 8.48 9.61 14.52
CA LYS A 93 7.88 8.81 15.57
C LYS A 93 7.91 7.31 15.27
N TYR A 94 8.51 6.91 14.15
CA TYR A 94 8.61 5.49 13.83
C TYR A 94 9.51 4.79 14.85
N ASN A 95 9.16 3.53 15.12
CA ASN A 95 9.79 2.70 16.16
C ASN A 95 10.01 1.34 15.52
N SER A 96 11.26 0.97 15.26
CA SER A 96 11.52 -0.26 14.51
C SER A 96 11.25 -1.53 15.31
N LEU A 97 10.99 -1.42 16.62
CA LEU A 97 10.62 -2.58 17.42
C LEU A 97 9.10 -2.78 17.44
N THR A 98 8.33 -1.75 17.80
CA THR A 98 6.88 -1.90 17.79
C THR A 98 6.28 -1.74 16.39
N ILE A 99 7.05 -1.18 15.45
CA ILE A 99 6.61 -0.92 14.07
C ILE A 99 5.39 0.01 14.05
N ASN A 100 5.33 0.93 15.01
CA ASN A 100 4.26 1.92 15.05
C ASN A 100 4.68 3.19 14.32
N ASN A 101 3.69 3.94 13.84
CA ASN A 101 3.93 5.12 12.99
C ASN A 101 4.81 4.74 11.80
N ASP A 102 4.41 3.66 11.12
CA ASP A 102 5.21 2.99 10.08
C ASP A 102 4.93 3.63 8.72
N ILE A 103 5.44 4.85 8.54
CA ILE A 103 5.17 5.60 7.31
C ILE A 103 6.39 6.41 6.92
N THR A 104 6.70 6.37 5.62
CA THR A 104 7.80 7.13 5.03
C THR A 104 7.33 7.72 3.71
N LEU A 105 7.77 8.94 3.42
CA LEU A 105 7.49 9.62 2.16
C LEU A 105 8.76 9.64 1.32
N LEU A 106 8.61 9.40 0.03
CA LEU A 106 9.70 9.51 -0.94
C LEU A 106 9.43 10.67 -1.86
N LYS A 107 10.40 11.59 -1.99
CA LYS A 107 10.30 12.64 -2.99
C LYS A 107 11.15 12.27 -4.20
N LEU A 108 10.52 12.27 -5.38
CA LEU A 108 11.20 11.85 -6.59
C LEU A 108 12.10 12.96 -7.12
N SER A 109 13.21 12.57 -7.76
CA SER A 109 14.08 13.56 -8.39
C SER A 109 13.38 14.23 -9.57
N THR A 110 12.66 13.46 -10.38
CA THR A 110 11.89 14.03 -11.49
C THR A 110 10.49 13.46 -11.43
N ALA A 111 9.49 14.30 -11.70
CA ALA A 111 8.10 13.88 -11.57
C ALA A 111 7.82 12.66 -12.43
N ALA A 112 6.95 11.79 -11.93
CA ALA A 112 6.33 10.80 -12.77
C ALA A 112 5.45 11.49 -13.81
N SER A 113 5.34 10.87 -14.99
N SER A 113 5.33 10.87 -14.98
CA SER A 113 4.40 11.31 -16.02
CA SER A 113 4.40 11.33 -16.01
C SER A 113 3.10 10.54 -15.83
C SER A 113 3.10 10.55 -15.87
N PHE A 114 2.07 11.22 -15.33
CA PHE A 114 0.79 10.55 -15.08
C PHE A 114 0.12 10.20 -16.39
N SER A 115 -0.65 9.12 -16.37
CA SER A 115 -1.23 8.55 -17.58
C SER A 115 -2.43 7.71 -17.16
N GLN A 116 -2.95 6.94 -18.11
CA GLN A 116 -4.01 6.00 -17.79
C GLN A 116 -3.55 4.98 -16.74
N THR A 117 -2.29 4.53 -16.82
CA THR A 117 -1.79 3.51 -15.91
C THR A 117 -0.97 4.06 -14.73
N VAL A 118 -0.80 5.38 -14.63
CA VAL A 118 0.00 5.99 -13.55
C VAL A 118 -0.73 7.24 -13.06
N SER A 119 -1.23 7.20 -11.83
CA SER A 119 -1.95 8.32 -11.22
C SER A 119 -2.04 8.09 -9.71
N ALA A 120 -2.64 9.04 -8.99
CA ALA A 120 -2.53 9.11 -7.54
C ALA A 120 -3.75 8.52 -6.82
N VAL A 121 -3.48 7.91 -5.65
CA VAL A 121 -4.53 7.55 -4.70
C VAL A 121 -4.93 8.78 -3.91
N CYS A 122 -6.17 8.78 -3.40
CA CYS A 122 -6.57 9.88 -2.53
C CYS A 122 -6.13 9.62 -1.10
N LEU A 123 -5.81 10.72 -0.38
CA LEU A 123 -5.55 10.63 1.05
C LEU A 123 -6.82 10.97 1.82
N PRO A 124 -7.01 10.35 2.99
CA PRO A 124 -8.15 10.70 3.84
C PRO A 124 -7.88 11.99 4.60
N SER A 125 -8.92 12.53 5.20
CA SER A 125 -8.74 13.58 6.19
C SER A 125 -8.61 12.95 7.58
N ALA A 126 -7.95 13.67 8.48
CA ALA A 126 -7.62 13.11 9.80
C ALA A 126 -8.86 12.64 10.54
N SER A 127 -10.01 13.27 10.30
CA SER A 127 -11.23 12.96 11.03
C SER A 127 -12.15 11.98 10.29
N ASP A 128 -11.71 11.41 9.18
CA ASP A 128 -12.52 10.44 8.46
C ASP A 128 -12.71 9.17 9.30
N ASP A 129 -13.90 8.58 9.20
CA ASP A 129 -14.21 7.35 9.93
C ASP A 129 -14.45 6.23 8.92
N PHE A 130 -13.58 5.24 8.93
CA PHE A 130 -13.73 4.04 8.12
C PHE A 130 -14.14 2.91 9.06
N ALA A 131 -15.44 2.66 9.13
CA ALA A 131 -16.01 1.82 10.17
C ALA A 131 -15.57 0.36 10.03
N ALA A 132 -15.39 -0.29 11.18
CA ALA A 132 -15.16 -1.73 11.16
C ALA A 132 -16.24 -2.42 10.34
N GLY A 133 -15.85 -3.43 9.58
CA GLY A 133 -16.72 -4.10 8.67
C GLY A 133 -16.68 -3.58 7.24
N THR A 134 -16.16 -2.37 7.03
CA THR A 134 -16.03 -1.86 5.66
C THR A 134 -15.13 -2.77 4.86
N THR A 135 -15.57 -3.11 3.63
CA THR A 135 -14.76 -3.90 2.73
C THR A 135 -13.76 -3.00 2.02
N CYS A 136 -12.48 -3.35 2.09
CA CYS A 136 -11.42 -2.60 1.45
C CYS A 136 -10.57 -3.56 0.62
N VAL A 137 -9.54 -3.03 -0.04
CA VAL A 137 -8.76 -3.79 -1.00
C VAL A 137 -7.28 -3.54 -0.76
N THR A 138 -6.49 -4.62 -0.77
CA THR A 138 -5.04 -4.54 -0.78
C THR A 138 -4.50 -5.14 -2.07
N THR A 139 -3.45 -4.53 -2.62
CA THR A 139 -2.86 -4.97 -3.88
C THR A 139 -1.35 -5.08 -3.74
N GLY A 140 -0.75 -5.88 -4.61
CA GLY A 140 0.70 -5.97 -4.59
C GLY A 140 1.22 -7.25 -5.21
N TRP A 141 2.55 -7.38 -5.17
CA TRP A 141 3.27 -8.57 -5.59
C TRP A 141 3.78 -9.37 -4.39
N GLY A 142 3.16 -9.20 -3.22
CA GLY A 142 3.66 -9.83 -2.02
C GLY A 142 3.75 -11.35 -2.09
N LEU A 143 2.96 -11.98 -2.95
CA LEU A 143 3.00 -13.43 -3.03
C LEU A 143 4.31 -13.95 -3.60
N THR A 144 5.02 -13.14 -4.38
CA THR A 144 6.31 -13.52 -4.94
C THR A 144 7.40 -13.70 -3.88
N ARG A 145 7.17 -13.27 -2.63
CA ARG A 145 8.14 -13.55 -1.58
C ARG A 145 8.16 -15.04 -1.21
N TYR A 146 7.14 -15.79 -1.62
CA TYR A 146 7.02 -17.20 -1.25
C TYR A 146 7.13 -18.12 -2.46
N THR A 151 4.39 -19.25 -8.29
CA THR A 151 3.80 -18.02 -7.75
C THR A 151 3.66 -16.95 -8.84
N PRO A 152 2.52 -16.24 -8.84
CA PRO A 152 2.23 -15.28 -9.92
C PRO A 152 3.16 -14.08 -9.88
N ASP A 153 3.68 -13.70 -11.05
CA ASP A 153 4.52 -12.52 -11.23
C ASP A 153 3.74 -11.26 -11.57
N ARG A 154 2.43 -11.38 -11.74
CA ARG A 154 1.54 -10.28 -12.08
C ARG A 154 0.83 -9.77 -10.82
N LEU A 155 0.40 -8.51 -10.87
CA LEU A 155 -0.15 -7.83 -9.72
C LEU A 155 -1.44 -8.49 -9.24
N GLN A 156 -1.53 -8.75 -7.93
CA GLN A 156 -2.70 -9.38 -7.34
C GLN A 156 -3.48 -8.39 -6.48
N GLN A 157 -4.71 -8.78 -6.13
CA GLN A 157 -5.63 -7.97 -5.35
C GLN A 157 -6.48 -8.86 -4.46
N ALA A 158 -6.88 -8.35 -3.29
CA ALA A 158 -7.78 -9.05 -2.41
C ALA A 158 -8.69 -8.05 -1.71
N SER A 159 -9.94 -8.47 -1.48
CA SER A 159 -10.95 -7.66 -0.81
C SER A 159 -11.14 -8.19 0.61
N LEU A 160 -11.05 -7.29 1.60
CA LEU A 160 -11.07 -7.79 2.97
C LEU A 160 -11.59 -6.71 3.90
N PRO A 161 -12.21 -7.09 5.02
CA PRO A 161 -12.88 -6.11 5.87
C PRO A 161 -12.00 -5.53 6.96
N LEU A 162 -12.24 -4.26 7.26
CA LEU A 162 -11.57 -3.61 8.38
C LEU A 162 -12.09 -4.17 9.70
N LEU A 163 -11.20 -4.25 10.69
CA LEU A 163 -11.59 -4.64 12.04
C LEU A 163 -11.46 -3.46 12.97
N SER A 164 -12.20 -3.50 14.07
CA SER A 164 -11.94 -2.58 15.17
C SER A 164 -10.62 -2.94 15.83
N ASN A 165 -9.97 -1.96 16.45
CA ASN A 165 -8.70 -2.27 17.12
C ASN A 165 -8.94 -3.24 18.28
N THR A 166 -10.09 -3.14 18.95
CA THR A 166 -10.41 -4.11 20.01
C THR A 166 -10.44 -5.53 19.46
N ASN A 167 -11.14 -5.74 18.34
N ASN A 167 -11.16 -5.67 18.27
CA ASN A 167 -11.19 -7.08 17.77
CA ASN A 167 -11.20 -7.01 17.70
C ASN A 167 -9.85 -7.50 17.19
C ASN A 167 -9.86 -7.43 17.12
N CYS A 168 -9.07 -6.56 16.65
CA CYS A 168 -7.75 -6.94 16.13
C CYS A 168 -6.85 -7.44 17.24
N LYS A 169 -6.99 -6.92 18.47
CA LYS A 169 -6.16 -7.34 19.59
C LYS A 169 -6.41 -8.79 20.00
N LYS A 170 -7.57 -9.35 19.66
CA LYS A 170 -7.78 -10.77 19.87
C LYS A 170 -6.78 -11.61 19.09
N TYR A 171 -6.23 -11.07 18.00
CA TYR A 171 -5.25 -11.78 17.18
C TYR A 171 -3.82 -11.38 17.50
N TRP A 172 -3.57 -10.09 17.69
CA TRP A 172 -2.21 -9.58 17.80
C TRP A 172 -1.91 -8.98 19.16
N GLY A 173 -2.87 -8.94 20.08
CA GLY A 173 -2.60 -8.51 21.44
C GLY A 173 -2.09 -7.09 21.52
N THR A 174 -1.19 -6.85 22.48
CA THR A 174 -0.66 -5.52 22.74
C THR A 174 0.27 -5.01 21.63
N LYS A 175 0.46 -5.76 20.54
CA LYS A 175 1.15 -5.22 19.37
C LYS A 175 0.36 -4.11 18.71
N ILE A 176 -0.96 -4.04 18.93
CA ILE A 176 -1.83 -3.13 18.18
C ILE A 176 -1.87 -1.78 18.90
N LYS A 177 -1.39 -0.74 18.23
CA LYS A 177 -1.40 0.61 18.74
C LYS A 177 -2.45 1.45 18.02
N ASP A 178 -2.71 2.65 18.55
CA ASP A 178 -3.75 3.50 18.01
C ASP A 178 -3.48 3.88 16.56
N ALA A 179 -2.21 4.07 16.19
CA ALA A 179 -1.86 4.43 14.82
C ALA A 179 -1.80 3.22 13.89
N MET A 180 -2.45 2.12 14.25
CA MET A 180 -2.54 0.94 13.40
C MET A 180 -4.00 0.64 13.13
N ILE A 181 -4.23 -0.06 12.02
CA ILE A 181 -5.56 -0.58 11.68
C ILE A 181 -5.35 -1.93 11.04
N CYS A 182 -6.28 -2.85 11.28
CA CYS A 182 -6.18 -4.21 10.80
C CYS A 182 -7.30 -4.52 9.82
N ALA A 183 -7.01 -5.47 8.92
CA ALA A 183 -7.97 -5.87 7.91
C ALA A 183 -7.74 -7.35 7.59
N GLY A 184 -8.84 -8.09 7.40
CA GLY A 184 -8.78 -9.46 6.94
C GLY A 184 -9.42 -10.40 7.94
N ALA A 185 -8.79 -11.56 8.11
CA ALA A 185 -9.34 -12.66 8.93
C ALA A 185 -10.75 -13.06 8.47
N SER A 186 -11.00 -12.99 7.16
CA SER A 186 -12.32 -13.30 6.64
C SER A 186 -12.29 -14.41 5.60
N GLY A 187 -11.27 -15.26 5.61
CA GLY A 187 -11.12 -16.29 4.60
C GLY A 187 -10.18 -15.95 3.45
N VAL A 188 -9.48 -14.81 3.50
CA VAL A 188 -8.48 -14.48 2.49
C VAL A 188 -7.21 -13.99 3.18
N SER A 189 -6.07 -14.25 2.55
CA SER A 189 -4.77 -13.81 3.06
C SER A 189 -4.57 -12.33 2.75
N SER A 190 -3.66 -11.72 3.52
CA SER A 190 -3.21 -10.35 3.22
C SER A 190 -1.83 -10.33 2.60
N CYS A 191 -1.26 -11.50 2.31
CA CYS A 191 0.13 -11.63 1.89
C CYS A 191 0.41 -11.13 0.49
N MET A 192 -0.62 -10.86 -0.33
CA MET A 192 -0.36 -10.25 -1.63
C MET A 192 0.13 -8.82 -1.50
N GLY A 193 -0.09 -8.17 -0.36
CA GLY A 193 0.42 -6.83 -0.17
C GLY A 193 1.89 -6.82 0.15
N ASP A 194 2.70 -6.14 -0.66
CA ASP A 194 4.09 -5.92 -0.31
C ASP A 194 4.18 -5.05 0.93
N SER A 195 5.26 -5.20 1.69
CA SER A 195 5.60 -4.20 2.69
C SER A 195 5.49 -2.81 2.05
N GLY A 196 4.81 -1.89 2.75
CA GLY A 196 4.62 -0.54 2.26
C GLY A 196 3.50 -0.37 1.24
N GLY A 197 2.83 -1.45 0.85
CA GLY A 197 1.78 -1.40 -0.15
C GLY A 197 0.47 -0.87 0.39
N PRO A 198 -0.47 -0.59 -0.52
CA PRO A 198 -1.72 0.10 -0.15
C PRO A 198 -2.83 -0.80 0.37
N LEU A 199 -3.62 -0.23 1.28
CA LEU A 199 -4.96 -0.72 1.62
C LEU A 199 -5.91 0.44 1.37
N VAL A 200 -6.81 0.29 0.38
CA VAL A 200 -7.66 1.38 -0.07
C VAL A 200 -9.12 1.04 0.15
N CYS A 201 -9.91 2.06 0.51
CA CYS A 201 -11.36 1.93 0.64
C CYS A 201 -12.04 3.00 -0.20
N LYS A 202 -13.13 2.62 -0.84
CA LYS A 202 -13.85 3.47 -1.79
C LYS A 202 -14.99 4.16 -1.06
N LYS A 203 -14.82 5.46 -0.79
CA LYS A 203 -15.91 6.28 -0.26
C LYS A 203 -16.12 7.48 -1.17
N ASN A 204 -17.38 7.69 -1.59
CA ASN A 204 -17.79 8.80 -2.46
C ASN A 204 -17.16 8.66 -3.85
N GLY A 205 -17.16 7.44 -4.37
CA GLY A 205 -16.66 7.21 -5.71
C GLY A 205 -15.17 7.37 -5.90
N ALA A 206 -14.39 7.43 -4.83
CA ALA A 206 -12.95 7.56 -4.93
C ALA A 206 -12.24 6.63 -3.96
N TRP A 207 -11.19 5.97 -4.44
CA TRP A 207 -10.37 5.11 -3.60
C TRP A 207 -9.45 5.95 -2.72
N THR A 208 -9.52 5.70 -1.42
CA THR A 208 -8.77 6.45 -0.42
C THR A 208 -7.83 5.51 0.33
N LEU A 209 -6.60 5.98 0.58
CA LEU A 209 -5.59 5.16 1.23
C LEU A 209 -5.87 5.13 2.73
N VAL A 210 -6.28 3.98 3.24
CA VAL A 210 -6.66 3.85 4.64
C VAL A 210 -5.53 3.18 5.40
N GLY A 211 -4.76 2.31 4.73
CA GLY A 211 -3.68 1.61 5.38
C GLY A 211 -2.45 1.47 4.49
N ILE A 212 -1.30 1.29 5.17
CA ILE A 212 -0.03 0.94 4.55
C ILE A 212 0.48 -0.34 5.20
N VAL A 213 0.89 -1.31 4.37
CA VAL A 213 1.21 -2.66 4.86
C VAL A 213 2.37 -2.60 5.83
N SER A 214 2.15 -3.08 7.06
CA SER A 214 3.18 -3.18 8.08
C SER A 214 3.62 -4.62 8.30
N TRP A 215 2.71 -5.52 8.67
CA TRP A 215 3.02 -6.95 8.72
C TRP A 215 1.73 -7.73 8.67
N GLY A 216 1.87 -9.03 8.40
CA GLY A 216 0.74 -9.93 8.41
C GLY A 216 1.11 -11.30 8.99
N SER A 217 0.21 -12.26 8.88
CA SER A 217 0.49 -13.63 9.31
C SER A 217 1.76 -14.17 8.64
N SER A 218 2.66 -14.72 9.46
CA SER A 218 3.89 -15.31 8.94
C SER A 218 3.63 -16.54 8.07
N THR A 219 2.46 -17.16 8.18
CA THR A 219 2.09 -18.28 7.33
C THR A 219 1.01 -17.92 6.31
N CYS A 220 0.70 -16.62 6.17
CA CYS A 220 -0.35 -16.15 5.26
C CYS A 220 -1.70 -16.79 5.56
N SER A 221 -1.99 -16.94 6.86
CA SER A 221 -3.24 -17.56 7.27
C SER A 221 -4.45 -16.76 6.78
N THR A 222 -5.46 -17.47 6.27
CA THR A 222 -6.69 -16.82 5.87
C THR A 222 -7.55 -16.40 7.05
N SER A 223 -7.16 -16.73 8.28
CA SER A 223 -7.92 -16.35 9.46
C SER A 223 -7.12 -15.44 10.39
N THR A 224 -6.03 -14.85 9.92
CA THR A 224 -5.26 -13.88 10.70
C THR A 224 -5.21 -12.58 9.91
N PRO A 225 -5.65 -11.45 10.49
CA PRO A 225 -5.72 -10.21 9.72
C PRO A 225 -4.36 -9.56 9.56
N GLY A 226 -4.22 -8.83 8.46
CA GLY A 226 -3.05 -8.00 8.27
C GLY A 226 -3.07 -6.76 9.15
N VAL A 227 -1.89 -6.22 9.42
CA VAL A 227 -1.75 -5.02 10.25
C VAL A 227 -1.15 -3.92 9.39
N TYR A 228 -1.75 -2.73 9.44
CA TYR A 228 -1.40 -1.61 8.58
C TYR A 228 -1.22 -0.36 9.41
N ALA A 229 -0.33 0.52 8.96
CA ALA A 229 -0.30 1.87 9.52
C ALA A 229 -1.63 2.57 9.19
N ARG A 230 -2.20 3.22 10.19
CA ARG A 230 -3.52 3.84 10.05
C ARG A 230 -3.35 5.24 9.47
N VAL A 231 -3.72 5.42 8.20
CA VAL A 231 -3.34 6.65 7.52
C VAL A 231 -4.02 7.88 8.13
N THR A 232 -5.27 7.76 8.60
CA THR A 232 -5.91 8.92 9.21
C THR A 232 -5.11 9.47 10.39
N ALA A 233 -4.38 8.60 11.09
CA ALA A 233 -3.56 9.05 12.21
C ALA A 233 -2.27 9.72 11.77
N LEU A 234 -1.87 9.53 10.51
CA LEU A 234 -0.59 10.02 10.02
C LEU A 234 -0.72 11.04 8.90
N VAL A 235 -1.94 11.34 8.45
CA VAL A 235 -2.09 12.17 7.26
C VAL A 235 -1.73 13.62 7.55
N ASN A 236 -1.94 14.08 8.79
CA ASN A 236 -1.50 15.44 9.14
C ASN A 236 0.00 15.57 8.99
N TRP A 237 0.76 14.56 9.42
CA TRP A 237 2.20 14.56 9.19
C TRP A 237 2.54 14.56 7.70
N VAL A 238 1.77 13.81 6.90
CA VAL A 238 2.02 13.77 5.45
C VAL A 238 1.86 15.16 4.86
N GLN A 239 0.79 15.85 5.22
CA GLN A 239 0.50 17.15 4.63
C GLN A 239 1.50 18.21 5.08
N GLN A 240 1.92 18.15 6.35
CA GLN A 240 2.97 19.05 6.81
C GLN A 240 4.26 18.80 6.05
N THR A 241 4.60 17.53 5.83
CA THR A 241 5.83 17.21 5.10
C THR A 241 5.79 17.74 3.67
N LEU A 242 4.68 17.49 2.96
CA LEU A 242 4.56 18.00 1.61
C LEU A 242 4.65 19.53 1.59
N ALA A 243 3.98 20.20 2.53
CA ALA A 243 3.94 21.66 2.51
C ALA A 243 5.31 22.26 2.84
N ALA A 244 6.12 21.58 3.63
CA ALA A 244 7.43 22.11 3.98
C ALA A 244 8.52 21.72 2.99
N ASN A 245 8.21 20.90 1.99
CA ASN A 245 9.26 20.36 1.14
C ASN A 245 8.91 20.35 -0.33
S SO4 B . 9.38 14.61 11.26
O1 SO4 B . 8.83 15.52 10.26
O2 SO4 B . 8.66 14.76 12.52
O3 SO4 B . 9.25 13.21 10.83
O4 SO4 B . 10.80 14.93 11.42
S SO4 C . 16.02 3.65 7.70
O1 SO4 C . 16.48 4.43 8.85
O2 SO4 C . 14.57 3.47 7.78
O3 SO4 C . 16.67 2.34 7.70
O4 SO4 C . 16.37 4.36 6.47
S SO4 D . 19.73 8.24 1.90
O1 SO4 D . 20.20 9.60 1.64
O2 SO4 D . 18.36 8.28 2.42
O3 SO4 D . 19.73 7.46 0.68
O4 SO4 D . 20.63 7.61 2.86
#